data_2D3N
#
_entry.id   2D3N
#
_cell.length_a   47.630
_cell.length_b   82.690
_cell.length_c   126.970
_cell.angle_alpha   90.00
_cell.angle_beta   90.00
_cell.angle_gamma   90.00
#
_symmetry.space_group_name_H-M   'P 21 21 21'
#
loop_
_entity.id
_entity.type
_entity.pdbx_description
1 polymer 'Glucan 1,4-alpha-maltohexaosidase'
2 branched alpha-D-glucopyranose-(1-4)-alpha-D-glucopyranose-(1-4)-alpha-D-glucopyranose-(1-4)-alpha-D-glucopyranose-(1-4)-alpha-D-glucopyranose-(1-4)-alpha-D-glucopyranose
3 branched alpha-D-glucopyranose-(1-4)-alpha-D-glucopyranose
4 branched alpha-D-glucopyranose-(1-4)-alpha-D-glucopyranose-(1-4)-alpha-D-glucopyranose
5 branched alpha-D-glucopyranose-(1-4)-alpha-D-glucopyranose-(1-4)-alpha-D-glucopyranose-(1-4)-alpha-D-glucopyranose
6 non-polymer alpha-D-glucopyranose
7 non-polymer 'CALCIUM ION'
8 non-polymer 'SODIUM ION'
9 water water
#
_entity_poly.entity_id   1
_entity_poly.type   'polypeptide(L)'
_entity_poly.pdbx_seq_one_letter_code
;HHNGTNGTMMQYFEWYLPNDGNHWNRLNSDASNLKSKGITAVWIPPAWKGASQNDVGYGAYDLYDLGEFNQKGTVRTKYG
TRSQLQAAVTSLKNNGIQVYGDVVMNHKGGADATEMVRAVEVNPNNRNQEVTGEYTIEAWTRFDFPGRGNTHSSFKWRWY
HFDGVDWDQSRRLNNRIYKFRGHGKAWDWEVDTENGNYDYLMYADIDMDHPEVVNELRNWGVWYTNTLGLDGFRIDAVKH
IKYSFTRDWINHVRSATGKNMFAVAEFWKNDLGAIENYLQKTNWNHSVFDVPLHYNLYNASKSGGNYDMRNIFNGTVVQR
HPSHAVTFVDNHDSQPEEALESFVEEWFKPLAYALTLTREQGYPSVFYGDYYGIPTHGVPAMRSKIDPILEARQKYAYGK
QNDYLDHHNIIGWTREGNTAHPNSGLATIMSDGAGGSKWMFVGRNKAGQVWSDITGNRTGTVTINADGWGNFSVNGGSVS
IWVNK
;
_entity_poly.pdbx_strand_id   A
#
# COMPACT_ATOMS: atom_id res chain seq x y z
N THR A 5 9.97 -16.47 -10.24
CA THR A 5 9.18 -17.09 -9.13
C THR A 5 8.84 -16.11 -8.01
N ASN A 6 9.81 -15.30 -7.59
CA ASN A 6 9.57 -14.32 -6.54
C ASN A 6 8.60 -13.25 -7.06
N GLY A 7 7.53 -12.99 -6.32
CA GLY A 7 6.58 -11.99 -6.75
C GLY A 7 6.92 -10.60 -6.24
N THR A 8 6.59 -9.57 -7.02
CA THR A 8 6.86 -8.19 -6.64
C THR A 8 5.73 -7.30 -7.15
N MET A 9 5.07 -6.56 -6.26
CA MET A 9 4.00 -5.70 -6.71
C MET A 9 4.50 -4.26 -6.85
N MET A 10 3.75 -3.43 -7.56
CA MET A 10 4.12 -2.04 -7.75
C MET A 10 2.93 -1.12 -7.58
N GLN A 11 3.08 -0.09 -6.76
CA GLN A 11 2.01 0.88 -6.59
C GLN A 11 2.18 1.77 -7.80
N TYR A 12 1.29 1.65 -8.77
CA TYR A 12 1.44 2.43 -10.00
C TYR A 12 0.87 3.84 -10.02
N PHE A 13 1.26 4.65 -9.05
CA PHE A 13 0.84 6.04 -8.97
C PHE A 13 1.51 6.74 -7.80
N GLU A 14 1.45 8.06 -7.83
CA GLU A 14 2.00 8.90 -6.76
C GLU A 14 0.99 10.04 -6.63
N TRP A 15 1.04 10.76 -5.53
CA TRP A 15 0.06 11.83 -5.29
C TRP A 15 0.01 12.98 -6.29
N TYR A 16 1.19 13.46 -6.70
CA TYR A 16 1.25 14.60 -7.60
C TYR A 16 1.28 14.37 -9.10
N LEU A 17 0.78 13.22 -9.55
CA LEU A 17 0.71 12.94 -10.98
C LEU A 17 -0.12 14.04 -11.61
N PRO A 18 0.17 14.40 -12.87
CA PRO A 18 -0.58 15.44 -13.57
C PRO A 18 -2.02 15.02 -13.83
N ASN A 19 -2.95 15.96 -13.77
CA ASN A 19 -4.35 15.66 -14.04
C ASN A 19 -4.57 15.77 -15.55
N ASP A 20 -3.99 14.83 -16.29
CA ASP A 20 -4.09 14.83 -17.75
C ASP A 20 -4.94 13.70 -18.32
N GLY A 21 -5.52 12.88 -17.45
CA GLY A 21 -6.35 11.78 -17.89
C GLY A 21 -5.64 10.82 -18.83
N ASN A 22 -4.33 10.67 -18.67
CA ASN A 22 -3.58 9.76 -19.53
C ASN A 22 -2.80 8.70 -18.76
N HIS A 23 -3.10 8.54 -17.47
CA HIS A 23 -2.38 7.56 -16.68
C HIS A 23 -2.72 6.12 -17.05
N TRP A 24 -3.99 5.84 -17.32
CA TRP A 24 -4.35 4.48 -17.71
C TRP A 24 -3.57 4.12 -18.99
N ASN A 25 -3.44 5.09 -19.88
CA ASN A 25 -2.71 4.83 -21.12
C ASN A 25 -1.22 4.61 -20.85
N ARG A 26 -0.69 5.32 -19.86
CA ARG A 26 0.73 5.15 -19.52
C ARG A 26 0.96 3.73 -19.00
N LEU A 27 0.07 3.28 -18.12
CA LEU A 27 0.19 1.93 -17.55
C LEU A 27 0.05 0.89 -18.66
N ASN A 28 -0.88 1.13 -19.57
CA ASN A 28 -1.15 0.25 -20.70
C ASN A 28 0.13 -0.08 -21.48
N SER A 29 0.82 0.96 -21.94
CA SER A 29 2.04 0.77 -22.72
C SER A 29 3.28 0.42 -21.91
N ASP A 30 3.19 0.49 -20.59
CA ASP A 30 4.35 0.19 -19.75
C ASP A 30 4.30 -1.26 -19.26
N ALA A 31 3.21 -1.95 -19.58
CA ALA A 31 3.00 -3.33 -19.17
C ALA A 31 4.13 -4.32 -19.47
N SER A 32 4.55 -4.40 -20.74
CA SER A 32 5.60 -5.33 -21.11
C SER A 32 6.91 -5.00 -20.39
N ASN A 33 7.21 -3.71 -20.27
CA ASN A 33 8.42 -3.27 -19.59
C ASN A 33 8.41 -3.72 -18.14
N LEU A 34 7.29 -3.50 -17.45
CA LEU A 34 7.16 -3.90 -16.06
C LEU A 34 7.38 -5.38 -15.86
N LYS A 35 6.78 -6.19 -16.72
CA LYS A 35 6.93 -7.64 -16.63
C LYS A 35 8.39 -8.04 -16.82
N SER A 36 9.05 -7.40 -17.77
CA SER A 36 10.46 -7.70 -18.06
C SER A 36 11.38 -7.31 -16.90
N LYS A 37 10.96 -6.34 -16.10
CA LYS A 37 11.78 -5.89 -14.98
C LYS A 37 11.54 -6.69 -13.70
N GLY A 38 10.56 -7.58 -13.73
CA GLY A 38 10.28 -8.40 -12.56
C GLY A 38 8.99 -8.10 -11.81
N ILE A 39 8.23 -7.10 -12.28
CA ILE A 39 6.96 -6.76 -11.64
C ILE A 39 5.92 -7.80 -12.02
N THR A 40 5.28 -8.40 -11.01
CA THR A 40 4.28 -9.43 -11.25
C THR A 40 2.86 -9.04 -10.88
N ALA A 41 2.70 -7.91 -10.21
CA ALA A 41 1.39 -7.42 -9.82
C ALA A 41 1.39 -5.90 -9.72
N VAL A 42 0.28 -5.30 -10.13
CA VAL A 42 0.17 -3.85 -10.10
C VAL A 42 -1.04 -3.37 -9.32
N TRP A 43 -0.79 -2.46 -8.38
CA TRP A 43 -1.84 -1.87 -7.59
C TRP A 43 -2.15 -0.55 -8.29
N ILE A 44 -3.37 -0.45 -8.83
CA ILE A 44 -3.80 0.74 -9.55
C ILE A 44 -4.46 1.75 -8.62
N PRO A 45 -4.37 3.04 -8.94
CA PRO A 45 -4.99 4.06 -8.08
C PRO A 45 -6.51 3.92 -8.13
N PRO A 46 -7.22 4.60 -7.20
CA PRO A 46 -8.68 4.53 -7.18
C PRO A 46 -9.16 4.74 -8.63
N ALA A 47 -10.05 3.85 -9.09
CA ALA A 47 -10.53 3.92 -10.47
C ALA A 47 -11.85 4.65 -10.66
N TRP A 48 -12.50 4.99 -9.55
CA TRP A 48 -13.81 5.65 -9.57
C TRP A 48 -13.76 7.18 -9.53
N LYS A 49 -14.93 7.78 -9.67
CA LYS A 49 -15.08 9.24 -9.66
C LYS A 49 -14.89 9.82 -8.26
N GLY A 50 -14.00 10.79 -8.14
CA GLY A 50 -13.74 11.43 -6.86
C GLY A 50 -14.60 12.68 -6.71
N ALA A 51 -14.32 13.50 -5.71
CA ALA A 51 -15.10 14.72 -5.48
C ALA A 51 -14.88 15.74 -6.58
N SER A 52 -13.85 15.52 -7.40
CA SER A 52 -13.54 16.41 -8.52
C SER A 52 -12.67 15.63 -9.50
N GLN A 53 -12.42 16.22 -10.66
CA GLN A 53 -11.61 15.54 -11.66
C GLN A 53 -10.16 15.30 -11.20
N ASN A 54 -9.58 16.26 -10.50
CA ASN A 54 -8.19 16.11 -10.06
C ASN A 54 -8.02 15.41 -8.71
N ASP A 55 -9.07 14.81 -8.20
CA ASP A 55 -9.00 14.09 -6.92
C ASP A 55 -8.17 12.83 -7.16
N VAL A 56 -7.29 12.50 -6.23
CA VAL A 56 -6.45 11.31 -6.36
C VAL A 56 -7.35 10.07 -6.35
N GLY A 57 -8.55 10.21 -5.80
CA GLY A 57 -9.47 9.11 -5.75
C GLY A 57 -10.01 8.77 -4.38
N TYR A 58 -9.31 9.20 -3.33
CA TYR A 58 -9.72 8.90 -1.97
C TYR A 58 -10.89 9.73 -1.48
N GLY A 59 -11.24 10.76 -2.26
CA GLY A 59 -12.39 11.58 -1.94
C GLY A 59 -13.48 10.89 -2.75
N ALA A 60 -13.62 9.59 -2.49
CA ALA A 60 -14.57 8.72 -3.17
C ALA A 60 -16.01 9.18 -3.23
N TYR A 61 -16.46 9.54 -4.43
CA TYR A 61 -17.83 10.00 -4.65
C TYR A 61 -18.75 8.88 -5.14
N ASP A 62 -18.40 8.27 -6.26
CA ASP A 62 -19.22 7.19 -6.83
C ASP A 62 -18.38 5.98 -7.26
N LEU A 63 -18.46 4.90 -6.48
CA LEU A 63 -17.71 3.69 -6.75
C LEU A 63 -18.12 2.94 -8.02
N TYR A 64 -19.25 3.32 -8.61
CA TYR A 64 -19.74 2.67 -9.84
C TYR A 64 -19.46 3.51 -11.08
N ASP A 65 -18.79 4.65 -10.88
CA ASP A 65 -18.45 5.54 -11.98
C ASP A 65 -16.94 5.48 -12.18
N LEU A 66 -16.50 4.58 -13.06
CA LEU A 66 -15.08 4.39 -13.33
C LEU A 66 -14.61 5.26 -14.49
N GLY A 67 -15.06 6.52 -14.52
CA GLY A 67 -14.67 7.41 -15.60
C GLY A 67 -15.58 7.13 -16.77
N GLU A 68 -16.86 6.89 -16.47
CA GLU A 68 -17.86 6.58 -17.48
C GLU A 68 -19.03 7.56 -17.56
N PHE A 69 -19.36 8.21 -16.45
CA PHE A 69 -20.48 9.13 -16.42
C PHE A 69 -20.09 10.58 -16.19
N ASN A 70 -20.95 11.50 -16.63
CA ASN A 70 -20.69 12.92 -16.46
C ASN A 70 -21.10 13.35 -15.06
N GLN A 71 -20.17 13.26 -14.11
CA GLN A 71 -20.46 13.65 -12.73
C GLN A 71 -19.28 14.42 -12.15
N LYS A 72 -19.58 15.42 -11.32
CA LYS A 72 -18.57 16.25 -10.70
C LYS A 72 -17.81 17.09 -11.70
N GLY A 73 -18.49 17.45 -12.78
CA GLY A 73 -17.90 18.28 -13.82
C GLY A 73 -16.93 17.57 -14.75
N THR A 74 -16.98 16.24 -14.81
CA THR A 74 -16.08 15.49 -15.68
C THR A 74 -16.58 14.08 -15.95
N VAL A 75 -16.23 13.55 -17.11
CA VAL A 75 -16.62 12.18 -17.43
C VAL A 75 -15.46 11.31 -16.92
N ARG A 76 -14.24 11.63 -17.37
CA ARG A 76 -13.07 10.87 -16.96
C ARG A 76 -12.66 11.18 -15.52
N THR A 77 -11.89 10.27 -14.93
CA THR A 77 -11.38 10.47 -13.59
C THR A 77 -10.04 11.17 -13.87
N LYS A 78 -9.25 11.39 -12.84
CA LYS A 78 -7.95 12.02 -13.04
C LYS A 78 -7.06 11.18 -13.95
N TYR A 79 -7.27 9.87 -13.90
CA TYR A 79 -6.47 8.91 -14.66
C TYR A 79 -6.94 8.57 -16.07
N GLY A 80 -8.19 8.88 -16.39
CA GLY A 80 -8.70 8.58 -17.72
C GLY A 80 -10.13 8.05 -17.71
N THR A 81 -10.57 7.52 -18.85
CA THR A 81 -11.92 7.00 -18.99
C THR A 81 -11.99 5.52 -18.65
N ARG A 82 -13.21 5.00 -18.52
CA ARG A 82 -13.38 3.59 -18.21
C ARG A 82 -12.80 2.70 -19.31
N SER A 83 -12.99 3.10 -20.57
CA SER A 83 -12.48 2.29 -21.67
C SER A 83 -10.95 2.23 -21.67
N GLN A 84 -10.31 3.34 -21.29
CA GLN A 84 -8.86 3.39 -21.23
C GLN A 84 -8.36 2.50 -20.08
N LEU A 85 -9.13 2.48 -18.99
CA LEU A 85 -8.80 1.66 -17.83
C LEU A 85 -8.89 0.19 -18.22
N GLN A 86 -9.99 -0.18 -18.90
CA GLN A 86 -10.19 -1.55 -19.32
C GLN A 86 -9.08 -1.98 -20.28
N ALA A 87 -8.63 -1.04 -21.13
CA ALA A 87 -7.58 -1.34 -22.08
C ALA A 87 -6.25 -1.58 -21.34
N ALA A 88 -6.03 -0.83 -20.27
CA ALA A 88 -4.82 -0.97 -19.47
C ALA A 88 -4.82 -2.33 -18.77
N VAL A 89 -5.98 -2.69 -18.23
CA VAL A 89 -6.11 -3.97 -17.53
C VAL A 89 -5.81 -5.13 -18.47
N THR A 90 -6.40 -5.10 -19.66
CA THR A 90 -6.18 -6.15 -20.65
C THR A 90 -4.70 -6.26 -20.99
N SER A 91 -4.04 -5.11 -21.14
CA SER A 91 -2.62 -5.09 -21.45
C SER A 91 -1.81 -5.78 -20.35
N LEU A 92 -2.18 -5.53 -19.10
CA LEU A 92 -1.48 -6.15 -17.97
C LEU A 92 -1.70 -7.66 -17.96
N LYS A 93 -2.96 -8.06 -18.17
CA LYS A 93 -3.31 -9.48 -18.20
C LYS A 93 -2.58 -10.20 -19.32
N ASN A 94 -2.45 -9.55 -20.47
CA ASN A 94 -1.77 -10.13 -21.62
C ASN A 94 -0.27 -10.29 -21.39
N ASN A 95 0.26 -9.56 -20.42
CA ASN A 95 1.68 -9.64 -20.10
C ASN A 95 1.92 -10.41 -18.81
N GLY A 96 0.91 -11.17 -18.39
CA GLY A 96 1.02 -11.97 -17.19
C GLY A 96 1.15 -11.21 -15.88
N ILE A 97 0.57 -10.02 -15.81
CA ILE A 97 0.63 -9.22 -14.58
C ILE A 97 -0.73 -9.20 -13.89
N GLN A 98 -0.74 -9.46 -12.59
CA GLN A 98 -1.97 -9.46 -11.82
C GLN A 98 -2.37 -8.02 -11.50
N VAL A 99 -3.67 -7.78 -11.36
CA VAL A 99 -4.16 -6.43 -11.08
C VAL A 99 -4.88 -6.32 -9.74
N TYR A 100 -4.41 -5.42 -8.88
CA TYR A 100 -5.04 -5.19 -7.60
C TYR A 100 -5.68 -3.81 -7.64
N GLY A 101 -6.98 -3.74 -7.35
CA GLY A 101 -7.66 -2.46 -7.37
C GLY A 101 -7.72 -1.88 -5.98
N ASP A 102 -7.67 -0.56 -5.87
CA ASP A 102 -7.76 0.09 -4.58
C ASP A 102 -9.22 -0.03 -4.13
N VAL A 103 -9.46 0.10 -2.83
CA VAL A 103 -10.81 -0.02 -2.30
C VAL A 103 -11.05 0.95 -1.15
N VAL A 104 -11.96 1.90 -1.36
CA VAL A 104 -12.28 2.89 -0.34
C VAL A 104 -13.72 2.71 0.13
N MET A 105 -13.88 2.17 1.34
CA MET A 105 -15.21 1.93 1.90
C MET A 105 -15.42 2.59 3.26
N ASN A 106 -14.45 3.36 3.71
CA ASN A 106 -14.59 4.02 5.00
C ASN A 106 -15.54 5.20 4.95
N HIS A 107 -15.51 5.94 3.85
CA HIS A 107 -16.31 7.14 3.74
C HIS A 107 -16.69 7.44 2.31
N LYS A 108 -17.56 8.45 2.15
CA LYS A 108 -18.00 8.95 0.85
C LYS A 108 -17.92 10.47 0.94
N GLY A 109 -17.35 11.10 -0.08
CA GLY A 109 -17.24 12.54 -0.09
C GLY A 109 -17.83 13.12 -1.35
N GLY A 110 -18.07 14.43 -1.36
CA GLY A 110 -18.64 15.06 -2.54
C GLY A 110 -20.13 14.76 -2.70
N ALA A 111 -20.84 14.66 -1.60
CA ALA A 111 -22.28 14.39 -1.64
C ALA A 111 -23.00 15.37 -2.58
N ASP A 112 -24.06 14.89 -3.22
CA ASP A 112 -24.83 15.70 -4.15
C ASP A 112 -25.59 16.83 -3.45
N ALA A 113 -26.02 16.59 -2.21
CA ALA A 113 -26.77 17.58 -1.47
C ALA A 113 -26.65 17.35 0.04
N THR A 114 -27.13 18.31 0.81
CA THR A 114 -27.11 18.20 2.26
C THR A 114 -28.47 17.74 2.77
N GLU A 115 -28.50 17.30 4.03
CA GLU A 115 -29.73 16.85 4.68
C GLU A 115 -29.69 17.38 6.10
N MET A 116 -30.86 17.56 6.70
CA MET A 116 -30.90 18.02 8.08
C MET A 116 -30.84 16.76 8.93
N VAL A 117 -29.86 16.70 9.81
CA VAL A 117 -29.65 15.52 10.64
C VAL A 117 -29.47 15.83 12.12
N ARG A 118 -30.03 14.97 12.97
CA ARG A 118 -29.90 15.13 14.41
C ARG A 118 -28.55 14.53 14.80
N ALA A 119 -27.79 15.25 15.62
CA ALA A 119 -26.49 14.76 16.03
C ALA A 119 -25.97 15.44 17.29
N VAL A 120 -24.89 14.90 17.82
CA VAL A 120 -24.23 15.45 18.99
C VAL A 120 -22.76 15.54 18.63
N GLU A 121 -22.06 16.52 19.21
CA GLU A 121 -20.64 16.66 18.94
C GLU A 121 -19.89 15.74 19.88
N VAL A 122 -18.73 15.26 19.46
CA VAL A 122 -17.93 14.41 20.32
C VAL A 122 -16.52 14.98 20.36
N ASN A 123 -15.76 14.62 21.38
CA ASN A 123 -14.38 15.08 21.54
C ASN A 123 -13.48 14.50 20.45
N PRO A 124 -12.84 15.36 19.64
CA PRO A 124 -11.95 14.84 18.59
C PRO A 124 -10.84 13.95 19.14
N ASN A 125 -10.50 14.15 20.42
CA ASN A 125 -9.45 13.36 21.06
C ASN A 125 -10.00 12.15 21.80
N ASN A 126 -11.33 12.05 21.85
CA ASN A 126 -12.01 10.93 22.49
C ASN A 126 -13.42 10.92 21.94
N ARG A 127 -13.59 10.29 20.78
CA ARG A 127 -14.89 10.24 20.12
C ARG A 127 -15.99 9.53 20.92
N ASN A 128 -15.62 8.87 22.01
CA ASN A 128 -16.61 8.19 22.84
C ASN A 128 -17.19 9.17 23.85
N GLN A 129 -16.67 10.39 23.85
CA GLN A 129 -17.14 11.41 24.78
C GLN A 129 -17.97 12.45 24.04
N GLU A 130 -19.27 12.51 24.34
CA GLU A 130 -20.15 13.48 23.71
C GLU A 130 -19.90 14.80 24.42
N VAL A 131 -19.74 15.89 23.67
CA VAL A 131 -19.46 17.18 24.26
C VAL A 131 -20.58 18.21 24.17
N THR A 132 -21.69 17.84 23.54
CA THR A 132 -22.83 18.73 23.44
C THR A 132 -24.09 17.88 23.46
N GLY A 133 -25.23 18.53 23.61
CA GLY A 133 -26.49 17.81 23.60
C GLY A 133 -26.86 17.58 22.15
N GLU A 134 -28.02 17.00 21.91
CA GLU A 134 -28.47 16.74 20.55
C GLU A 134 -29.07 17.97 19.88
N TYR A 135 -28.73 18.17 18.61
CA TYR A 135 -29.28 19.29 17.84
C TYR A 135 -29.15 19.02 16.34
N THR A 136 -29.84 19.81 15.53
CA THR A 136 -29.84 19.61 14.08
C THR A 136 -28.70 20.30 13.33
N ILE A 137 -28.06 19.54 12.45
CA ILE A 137 -26.98 20.07 11.62
C ILE A 137 -27.33 19.82 10.16
N GLU A 138 -26.60 20.46 9.26
CA GLU A 138 -26.82 20.27 7.83
C GLU A 138 -25.59 19.48 7.35
N ALA A 139 -25.80 18.20 7.05
CA ALA A 139 -24.68 17.35 6.63
C ALA A 139 -24.71 16.93 5.17
N TRP A 140 -23.52 16.77 4.59
CA TRP A 140 -23.38 16.34 3.19
C TRP A 140 -23.46 14.82 3.15
N THR A 141 -24.69 14.31 3.18
CA THR A 141 -24.92 12.88 3.22
C THR A 141 -25.77 12.32 2.09
N ARG A 142 -26.23 13.18 1.19
CA ARG A 142 -27.09 12.70 0.11
C ARG A 142 -26.40 12.44 -1.23
N PHE A 143 -26.51 11.20 -1.70
CA PHE A 143 -25.93 10.79 -2.96
C PHE A 143 -27.00 10.17 -3.86
N ASP A 144 -27.24 10.80 -5.01
CA ASP A 144 -28.21 10.30 -5.97
C ASP A 144 -27.56 9.98 -7.31
N PHE A 145 -26.33 10.47 -7.52
CA PHE A 145 -25.59 10.19 -8.76
C PHE A 145 -26.39 10.60 -9.99
N PRO A 146 -26.65 11.90 -10.15
CA PRO A 146 -27.41 12.42 -11.30
C PRO A 146 -26.89 12.09 -12.69
N GLY A 147 -25.57 11.92 -12.82
CA GLY A 147 -25.00 11.60 -14.12
C GLY A 147 -25.04 10.13 -14.48
N ARG A 148 -25.19 9.27 -13.48
CA ARG A 148 -25.23 7.83 -13.70
C ARG A 148 -26.64 7.24 -13.65
N GLY A 149 -27.53 7.87 -12.90
CA GLY A 149 -28.87 7.32 -12.81
C GLY A 149 -28.77 5.99 -12.08
N ASN A 150 -29.50 4.99 -12.56
CA ASN A 150 -29.46 3.67 -11.93
C ASN A 150 -28.58 2.66 -12.67
N THR A 151 -27.76 3.13 -13.61
CA THR A 151 -26.89 2.23 -14.35
C THR A 151 -25.92 1.55 -13.37
N HIS A 152 -25.80 0.23 -13.49
CA HIS A 152 -24.94 -0.58 -12.64
C HIS A 152 -25.51 -0.82 -11.24
N SER A 153 -26.17 0.19 -10.68
CA SER A 153 -26.73 0.06 -9.33
C SER A 153 -27.76 1.15 -9.05
N SER A 154 -28.83 0.78 -8.36
CA SER A 154 -29.89 1.75 -8.04
C SER A 154 -29.84 2.21 -6.59
N PHE A 155 -28.81 1.76 -5.86
CA PHE A 155 -28.67 2.13 -4.45
C PHE A 155 -28.34 3.61 -4.29
N LYS A 156 -29.12 4.29 -3.45
CA LYS A 156 -28.91 5.70 -3.19
C LYS A 156 -28.52 5.86 -1.72
N TRP A 157 -27.63 6.80 -1.43
CA TRP A 157 -27.19 7.01 -0.05
C TRP A 157 -27.88 8.18 0.64
N ARG A 158 -28.12 8.02 1.94
CA ARG A 158 -28.77 9.05 2.75
C ARG A 158 -28.08 9.10 4.13
N TRP A 159 -28.40 10.12 4.93
CA TRP A 159 -27.76 10.27 6.23
C TRP A 159 -27.75 9.00 7.09
N TYR A 160 -28.83 8.23 7.07
CA TYR A 160 -28.89 7.02 7.89
C TYR A 160 -27.91 5.91 7.52
N HIS A 161 -27.22 6.07 6.41
CA HIS A 161 -26.23 5.09 5.97
C HIS A 161 -24.86 5.47 6.53
N PHE A 162 -24.81 6.60 7.24
CA PHE A 162 -23.56 7.11 7.81
C PHE A 162 -23.61 7.27 9.32
N ASP A 163 -22.44 7.27 9.96
CA ASP A 163 -22.36 7.42 11.41
C ASP A 163 -22.09 8.86 11.83
N GLY A 164 -21.57 9.66 10.89
CA GLY A 164 -21.29 11.05 11.24
C GLY A 164 -20.48 11.79 10.19
N VAL A 165 -20.18 13.04 10.50
CA VAL A 165 -19.41 13.90 9.60
C VAL A 165 -18.60 14.88 10.45
N ASP A 166 -17.78 15.68 9.78
CA ASP A 166 -16.98 16.66 10.50
C ASP A 166 -17.31 18.08 10.02
N TRP A 167 -18.46 18.24 9.37
CA TRP A 167 -18.84 19.55 8.88
C TRP A 167 -20.34 19.81 8.84
N ASP A 168 -20.77 20.86 9.54
CA ASP A 168 -22.16 21.29 9.62
C ASP A 168 -22.27 22.47 8.66
N GLN A 169 -22.85 22.24 7.49
CA GLN A 169 -22.98 23.31 6.49
C GLN A 169 -23.75 24.54 6.97
N SER A 170 -24.54 24.41 8.03
CA SER A 170 -25.33 25.53 8.53
C SER A 170 -24.61 26.41 9.54
N ARG A 171 -23.51 25.93 10.10
CA ARG A 171 -22.77 26.70 11.09
C ARG A 171 -21.29 26.82 10.75
N ARG A 172 -20.83 25.90 9.89
CA ARG A 172 -19.46 25.90 9.41
C ARG A 172 -18.39 26.11 10.49
N LEU A 173 -18.38 25.24 11.49
CA LEU A 173 -17.42 25.33 12.59
C LEU A 173 -16.24 24.37 12.36
N ASN A 174 -15.04 24.84 12.72
CA ASN A 174 -13.83 24.06 12.54
C ASN A 174 -13.55 23.14 13.74
N ASN A 175 -12.77 22.09 13.48
CA ASN A 175 -12.36 21.13 14.50
C ASN A 175 -13.51 20.44 15.23
N ARG A 176 -14.55 20.08 14.50
CA ARG A 176 -15.69 19.39 15.11
C ARG A 176 -15.92 18.03 14.47
N ILE A 177 -16.49 17.11 15.24
CA ILE A 177 -16.84 15.78 14.75
C ILE A 177 -18.25 15.53 15.28
N TYR A 178 -19.17 15.25 14.35
CA TYR A 178 -20.57 15.03 14.67
C TYR A 178 -21.01 13.57 14.57
N LYS A 179 -21.57 13.04 15.65
CA LYS A 179 -22.05 11.66 15.65
C LYS A 179 -23.56 11.74 15.48
N PHE A 180 -24.08 11.12 14.44
CA PHE A 180 -25.52 11.15 14.18
C PHE A 180 -26.31 10.45 15.28
N ARG A 181 -27.52 10.93 15.51
CA ARG A 181 -28.42 10.36 16.50
C ARG A 181 -29.49 9.58 15.74
N GLY A 182 -30.12 8.62 16.41
CA GLY A 182 -31.14 7.82 15.75
C GLY A 182 -31.11 6.36 16.16
N HIS A 183 -32.10 5.61 15.68
CA HIS A 183 -32.19 4.19 15.99
C HIS A 183 -30.90 3.45 15.62
N GLY A 184 -30.28 2.83 16.62
CA GLY A 184 -29.06 2.07 16.39
C GLY A 184 -27.80 2.82 15.96
N LYS A 185 -27.80 4.14 16.13
CA LYS A 185 -26.65 4.96 15.74
C LYS A 185 -25.54 5.04 16.79
N ALA A 186 -24.34 4.66 16.38
CA ALA A 186 -23.16 4.70 17.25
C ALA A 186 -21.93 4.38 16.41
N TRP A 187 -20.76 4.83 16.88
CA TRP A 187 -19.53 4.54 16.16
C TRP A 187 -19.42 3.03 16.07
N ASP A 188 -18.85 2.54 14.98
CA ASP A 188 -18.70 1.11 14.78
C ASP A 188 -17.64 0.53 15.71
N TRP A 189 -17.72 -0.78 15.93
CA TRP A 189 -16.77 -1.50 16.76
C TRP A 189 -16.71 -2.91 16.18
N GLU A 190 -15.53 -3.52 16.10
CA GLU A 190 -14.26 -2.93 16.56
C GLU A 190 -13.48 -2.13 15.52
N VAL A 191 -12.81 -1.07 15.99
CA VAL A 191 -11.96 -0.22 15.17
C VAL A 191 -10.77 0.17 16.06
N ASP A 192 -9.78 0.86 15.50
CA ASP A 192 -8.62 1.25 16.30
C ASP A 192 -9.06 2.15 17.47
N THR A 193 -8.31 2.12 18.57
CA THR A 193 -8.65 2.89 19.74
C THR A 193 -7.97 4.24 19.95
N GLU A 194 -7.13 4.67 19.02
CA GLU A 194 -6.51 5.98 19.19
C GLU A 194 -7.69 6.96 19.15
N ASN A 195 -7.67 7.97 20.01
CA ASN A 195 -8.76 8.95 20.08
C ASN A 195 -10.02 8.30 20.64
N GLY A 196 -9.84 7.25 21.46
CA GLY A 196 -10.98 6.56 22.05
C GLY A 196 -11.59 5.57 21.07
N ASN A 197 -12.09 6.09 19.96
CA ASN A 197 -12.70 5.28 18.91
C ASN A 197 -12.35 6.00 17.61
N TYR A 198 -11.60 5.33 16.74
CA TYR A 198 -11.14 5.94 15.50
C TYR A 198 -12.00 5.64 14.26
N ASP A 199 -13.27 5.33 14.48
CA ASP A 199 -14.17 5.04 13.37
C ASP A 199 -14.22 6.25 12.43
N TYR A 200 -14.39 7.44 12.98
CA TYR A 200 -14.46 8.62 12.12
C TYR A 200 -13.09 9.13 11.67
N LEU A 201 -12.97 9.43 10.38
CA LEU A 201 -11.71 9.94 9.83
C LEU A 201 -11.91 11.21 9.02
N MET A 202 -12.77 11.15 8.00
CA MET A 202 -13.03 12.29 7.14
C MET A 202 -14.32 12.10 6.37
N TYR A 203 -14.77 13.16 5.70
CA TYR A 203 -15.99 13.11 4.90
C TYR A 203 -17.18 12.51 5.65
N ALA A 204 -18.05 11.79 4.94
CA ALA A 204 -19.20 11.16 5.58
C ALA A 204 -18.83 9.72 5.91
N ASP A 205 -18.75 9.43 7.20
CA ASP A 205 -18.36 8.10 7.66
C ASP A 205 -19.45 7.05 7.48
N ILE A 206 -19.15 6.02 6.71
CA ILE A 206 -20.10 4.94 6.45
C ILE A 206 -20.39 4.12 7.70
N ASP A 207 -21.67 3.85 7.93
CA ASP A 207 -22.12 3.08 9.09
C ASP A 207 -22.16 1.59 8.77
N MET A 208 -21.15 0.85 9.24
CA MET A 208 -21.09 -0.57 8.97
C MET A 208 -22.11 -1.38 9.78
N ASP A 209 -22.90 -0.70 10.62
CA ASP A 209 -23.93 -1.35 11.43
C ASP A 209 -25.23 -1.47 10.61
N HIS A 210 -25.32 -0.74 9.51
CA HIS A 210 -26.52 -0.77 8.69
C HIS A 210 -26.50 -1.94 7.71
N PRO A 211 -27.49 -2.84 7.82
CA PRO A 211 -27.59 -4.01 6.94
C PRO A 211 -27.55 -3.65 5.46
N GLU A 212 -28.28 -2.60 5.08
CA GLU A 212 -28.32 -2.17 3.68
C GLU A 212 -26.95 -1.76 3.16
N VAL A 213 -26.16 -1.14 4.04
CA VAL A 213 -24.81 -0.70 3.67
C VAL A 213 -23.91 -1.92 3.46
N VAL A 214 -23.93 -2.84 4.40
CA VAL A 214 -23.10 -4.03 4.30
C VAL A 214 -23.42 -4.77 3.00
N ASN A 215 -24.71 -4.99 2.75
CA ASN A 215 -25.15 -5.69 1.55
C ASN A 215 -24.70 -4.96 0.28
N GLU A 216 -24.83 -3.64 0.27
CA GLU A 216 -24.45 -2.84 -0.89
C GLU A 216 -22.94 -2.85 -1.17
N LEU A 217 -22.13 -2.73 -0.12
CA LEU A 217 -20.68 -2.74 -0.32
C LEU A 217 -20.20 -4.10 -0.77
N ARG A 218 -20.82 -5.16 -0.27
CA ARG A 218 -20.44 -6.51 -0.68
C ARG A 218 -20.80 -6.68 -2.15
N ASN A 219 -21.99 -6.23 -2.53
CA ASN A 219 -22.41 -6.33 -3.93
C ASN A 219 -21.49 -5.50 -4.83
N TRP A 220 -21.10 -4.31 -4.37
CA TRP A 220 -20.22 -3.48 -5.17
C TRP A 220 -18.86 -4.15 -5.32
N GLY A 221 -18.39 -4.80 -4.26
CA GLY A 221 -17.12 -5.48 -4.31
C GLY A 221 -17.07 -6.51 -5.42
N VAL A 222 -18.17 -7.25 -5.58
CA VAL A 222 -18.26 -8.26 -6.62
C VAL A 222 -18.35 -7.62 -7.99
N TRP A 223 -19.19 -6.61 -8.11
CA TRP A 223 -19.37 -5.91 -9.38
C TRP A 223 -18.01 -5.37 -9.84
N TYR A 224 -17.32 -4.71 -8.91
CA TYR A 224 -16.01 -4.12 -9.16
C TYR A 224 -15.03 -5.19 -9.64
N THR A 225 -15.00 -6.31 -8.93
CA THR A 225 -14.10 -7.41 -9.28
C THR A 225 -14.39 -7.97 -10.67
N ASN A 226 -15.67 -8.26 -10.93
CA ASN A 226 -16.04 -8.82 -12.22
C ASN A 226 -15.96 -7.86 -13.38
N THR A 227 -16.20 -6.58 -13.13
CA THR A 227 -16.16 -5.57 -14.18
C THR A 227 -14.75 -5.33 -14.70
N LEU A 228 -13.77 -5.32 -13.80
CA LEU A 228 -12.38 -5.08 -14.20
C LEU A 228 -11.54 -6.34 -14.30
N GLY A 229 -12.01 -7.44 -13.71
CA GLY A 229 -11.25 -8.67 -13.73
C GLY A 229 -10.09 -8.60 -12.75
N LEU A 230 -10.34 -7.98 -11.60
CA LEU A 230 -9.31 -7.81 -10.57
C LEU A 230 -8.85 -9.13 -9.98
N ASP A 231 -7.57 -9.17 -9.60
CA ASP A 231 -6.96 -10.36 -9.01
C ASP A 231 -6.80 -10.16 -7.51
N GLY A 232 -7.00 -8.93 -7.04
CA GLY A 232 -6.85 -8.64 -5.63
C GLY A 232 -7.21 -7.22 -5.28
N PHE A 233 -7.02 -6.84 -4.01
CA PHE A 233 -7.35 -5.50 -3.55
C PHE A 233 -6.28 -4.90 -2.64
N ARG A 234 -6.30 -3.57 -2.57
CA ARG A 234 -5.44 -2.82 -1.66
C ARG A 234 -6.57 -2.11 -0.91
N ILE A 235 -6.73 -2.41 0.38
CA ILE A 235 -7.82 -1.85 1.17
C ILE A 235 -7.44 -0.64 2.01
N ASP A 236 -8.05 0.48 1.67
CA ASP A 236 -7.83 1.78 2.30
C ASP A 236 -8.41 1.98 3.71
N ALA A 237 -7.60 2.61 4.56
CA ALA A 237 -7.97 2.99 5.93
C ALA A 237 -8.71 1.96 6.79
N VAL A 238 -8.21 0.73 6.83
CA VAL A 238 -8.89 -0.30 7.60
C VAL A 238 -8.94 -0.13 9.12
N LYS A 239 -8.07 0.70 9.70
CA LYS A 239 -8.13 0.87 11.14
C LYS A 239 -9.34 1.72 11.54
N HIS A 240 -10.00 2.29 10.54
CA HIS A 240 -11.17 3.14 10.76
C HIS A 240 -12.46 2.40 10.34
N ILE A 241 -12.31 1.14 9.94
CA ILE A 241 -13.45 0.35 9.49
C ILE A 241 -13.68 -0.85 10.40
N LYS A 242 -14.94 -1.12 10.72
CA LYS A 242 -15.28 -2.26 11.58
C LYS A 242 -14.48 -3.46 11.10
N TYR A 243 -13.65 -4.01 11.98
CA TYR A 243 -12.79 -5.13 11.64
C TYR A 243 -13.50 -6.35 11.03
N SER A 244 -14.59 -6.79 11.66
CA SER A 244 -15.32 -7.95 11.17
C SER A 244 -15.96 -7.70 9.80
N PHE A 245 -16.26 -6.43 9.51
CA PHE A 245 -16.85 -6.10 8.22
C PHE A 245 -15.84 -6.36 7.11
N THR A 246 -14.62 -5.87 7.28
CA THR A 246 -13.58 -6.05 6.29
C THR A 246 -13.30 -7.54 6.10
N ARG A 247 -13.20 -8.26 7.22
CA ARG A 247 -12.94 -9.71 7.16
C ARG A 247 -14.03 -10.41 6.35
N ASP A 248 -15.28 -10.13 6.67
CA ASP A 248 -16.39 -10.78 5.98
C ASP A 248 -16.63 -10.28 4.56
N TRP A 249 -16.18 -9.05 4.28
CA TRP A 249 -16.34 -8.48 2.95
C TRP A 249 -15.39 -9.24 2.02
N ILE A 250 -14.16 -9.45 2.47
CA ILE A 250 -13.17 -10.18 1.69
C ILE A 250 -13.65 -11.61 1.45
N ASN A 251 -14.19 -12.26 2.49
CA ASN A 251 -14.67 -13.63 2.34
C ASN A 251 -15.84 -13.70 1.36
N HIS A 252 -16.75 -12.74 1.45
CA HIS A 252 -17.90 -12.70 0.55
C HIS A 252 -17.47 -12.56 -0.90
N VAL A 253 -16.57 -11.62 -1.16
CA VAL A 253 -16.09 -11.38 -2.52
C VAL A 253 -15.39 -12.60 -3.08
N ARG A 254 -14.56 -13.25 -2.26
CA ARG A 254 -13.86 -14.45 -2.71
C ARG A 254 -14.85 -15.58 -3.04
N SER A 255 -15.86 -15.75 -2.20
CA SER A 255 -16.87 -16.78 -2.42
C SER A 255 -17.73 -16.52 -3.64
N ALA A 256 -18.23 -15.29 -3.75
CA ALA A 256 -19.08 -14.91 -4.86
C ALA A 256 -18.40 -14.98 -6.23
N THR A 257 -17.08 -14.75 -6.26
CA THR A 257 -16.35 -14.80 -7.51
C THR A 257 -15.63 -16.13 -7.73
N GLY A 258 -15.59 -16.96 -6.70
CA GLY A 258 -14.91 -18.24 -6.80
C GLY A 258 -13.42 -18.03 -7.06
N LYS A 259 -12.93 -16.85 -6.68
CA LYS A 259 -11.52 -16.51 -6.88
C LYS A 259 -10.83 -16.18 -5.56
N ASN A 260 -9.63 -16.74 -5.36
CA ASN A 260 -8.89 -16.49 -4.14
C ASN A 260 -8.17 -15.14 -4.25
N MET A 261 -8.95 -14.07 -4.22
CA MET A 261 -8.43 -12.71 -4.34
C MET A 261 -7.38 -12.35 -3.29
N PHE A 262 -6.24 -11.83 -3.73
CA PHE A 262 -5.22 -11.42 -2.79
C PHE A 262 -5.69 -10.10 -2.22
N ALA A 263 -5.39 -9.83 -0.95
CA ALA A 263 -5.79 -8.57 -0.35
C ALA A 263 -4.76 -8.06 0.64
N VAL A 264 -4.40 -6.78 0.48
CA VAL A 264 -3.47 -6.14 1.39
C VAL A 264 -4.17 -4.92 1.95
N ALA A 265 -4.25 -4.85 3.28
CA ALA A 265 -4.92 -3.75 3.94
C ALA A 265 -3.95 -2.69 4.44
N GLU A 266 -4.39 -1.44 4.40
CA GLU A 266 -3.56 -0.34 4.88
C GLU A 266 -4.02 -0.01 6.30
N PHE A 267 -3.34 -0.59 7.28
CA PHE A 267 -3.62 -0.31 8.68
C PHE A 267 -2.47 0.61 9.06
N TRP A 268 -2.68 1.91 8.91
CA TRP A 268 -1.59 2.83 9.20
C TRP A 268 -1.38 3.21 10.64
N LYS A 269 -0.51 2.46 11.31
CA LYS A 269 -0.17 2.73 12.69
C LYS A 269 1.20 2.09 12.91
N ASN A 270 2.12 2.86 13.48
CA ASN A 270 3.46 2.37 13.74
C ASN A 270 3.39 1.66 15.08
N ASP A 271 2.66 0.54 15.09
CA ASP A 271 2.43 -0.24 16.30
C ASP A 271 2.11 -1.69 15.94
N LEU A 272 3.10 -2.57 16.09
CA LEU A 272 2.92 -3.98 15.75
C LEU A 272 1.77 -4.62 16.53
N GLY A 273 1.64 -4.26 17.81
CA GLY A 273 0.58 -4.82 18.63
C GLY A 273 -0.80 -4.53 18.05
N ALA A 274 -1.01 -3.29 17.63
CA ALA A 274 -2.30 -2.90 17.05
C ALA A 274 -2.54 -3.70 15.78
N ILE A 275 -1.51 -3.84 14.95
CA ILE A 275 -1.63 -4.57 13.69
C ILE A 275 -1.90 -6.06 13.95
N GLU A 276 -1.23 -6.64 14.94
CA GLU A 276 -1.44 -8.06 15.24
C GLU A 276 -2.89 -8.28 15.65
N ASN A 277 -3.43 -7.36 16.44
CA ASN A 277 -4.81 -7.45 16.90
C ASN A 277 -5.72 -7.46 15.67
N TYR A 278 -5.45 -6.57 14.72
CA TYR A 278 -6.23 -6.48 13.50
C TYR A 278 -6.17 -7.80 12.74
N LEU A 279 -4.97 -8.37 12.64
CA LEU A 279 -4.79 -9.63 11.94
C LEU A 279 -5.57 -10.77 12.59
N GLN A 280 -5.55 -10.82 13.92
CA GLN A 280 -6.27 -11.86 14.65
C GLN A 280 -7.77 -11.68 14.51
N LYS A 281 -8.22 -10.43 14.62
CA LYS A 281 -9.65 -10.14 14.51
C LYS A 281 -10.21 -10.38 13.11
N THR A 282 -9.35 -10.33 12.09
CA THR A 282 -9.81 -10.59 10.73
C THR A 282 -9.45 -12.01 10.33
N ASN A 283 -9.12 -12.84 11.32
CA ASN A 283 -8.80 -14.24 11.12
C ASN A 283 -7.69 -14.54 10.12
N TRP A 284 -6.70 -13.65 10.06
CA TRP A 284 -5.57 -13.84 9.17
C TRP A 284 -5.94 -14.14 7.72
N ASN A 285 -7.08 -13.63 7.25
CA ASN A 285 -7.50 -13.91 5.89
C ASN A 285 -6.89 -12.99 4.83
N HIS A 286 -6.09 -12.01 5.25
CA HIS A 286 -5.42 -11.12 4.29
C HIS A 286 -4.15 -10.52 4.87
N SER A 287 -3.36 -9.87 4.01
CA SER A 287 -2.10 -9.26 4.43
C SER A 287 -2.24 -7.79 4.81
N VAL A 288 -1.17 -7.22 5.35
CA VAL A 288 -1.14 -5.81 5.74
C VAL A 288 0.21 -5.20 5.35
N PHE A 289 0.21 -3.90 5.09
CA PHE A 289 1.44 -3.20 4.76
C PHE A 289 2.28 -3.13 6.03
N ASP A 290 3.58 -3.34 5.90
CA ASP A 290 4.46 -3.31 7.06
C ASP A 290 4.81 -1.86 7.40
N VAL A 291 3.86 -1.16 8.02
CA VAL A 291 4.07 0.24 8.38
C VAL A 291 5.24 0.43 9.34
N PRO A 292 5.39 -0.46 10.34
CA PRO A 292 6.52 -0.27 11.25
C PRO A 292 7.85 -0.30 10.51
N LEU A 293 7.98 -1.22 9.55
CA LEU A 293 9.22 -1.33 8.79
C LEU A 293 9.48 -0.02 8.02
N HIS A 294 8.43 0.55 7.45
CA HIS A 294 8.59 1.81 6.73
C HIS A 294 9.21 2.87 7.64
N TYR A 295 8.73 2.94 8.88
CA TYR A 295 9.27 3.93 9.82
C TYR A 295 10.70 3.62 10.23
N ASN A 296 11.05 2.34 10.34
CA ASN A 296 12.41 1.97 10.70
C ASN A 296 13.34 2.44 9.57
N LEU A 297 12.93 2.17 8.33
CA LEU A 297 13.71 2.55 7.16
C LEU A 297 13.85 4.08 7.13
N TYR A 298 12.74 4.78 7.34
CA TYR A 298 12.76 6.24 7.35
C TYR A 298 13.70 6.78 8.42
N ASN A 299 13.52 6.31 9.65
CA ASN A 299 14.37 6.75 10.75
C ASN A 299 15.84 6.43 10.51
N ALA A 300 16.11 5.27 9.92
CA ALA A 300 17.50 4.90 9.65
C ALA A 300 18.11 5.88 8.65
N SER A 301 17.32 6.27 7.64
CA SER A 301 17.80 7.20 6.62
C SER A 301 17.99 8.62 7.14
N LYS A 302 17.41 8.92 8.30
CA LYS A 302 17.53 10.25 8.91
C LYS A 302 18.54 10.30 10.05
N SER A 303 19.13 9.15 10.40
CA SER A 303 20.05 9.09 11.52
C SER A 303 21.54 9.28 11.20
N GLY A 304 21.84 9.66 9.96
CA GLY A 304 23.20 9.92 9.55
C GLY A 304 24.23 8.84 9.88
N GLY A 305 23.80 7.59 9.90
CA GLY A 305 24.72 6.49 10.20
C GLY A 305 24.67 5.99 11.63
N ASN A 306 23.97 6.71 12.50
CA ASN A 306 23.89 6.31 13.90
C ASN A 306 22.75 5.36 14.24
N TYR A 307 22.01 4.93 13.22
CA TYR A 307 20.93 3.98 13.46
C TYR A 307 21.62 2.65 13.65
N ASP A 308 21.13 1.84 14.59
CA ASP A 308 21.73 0.53 14.83
C ASP A 308 21.13 -0.42 13.80
N MET A 309 21.84 -0.63 12.69
CA MET A 309 21.34 -1.50 11.63
C MET A 309 20.98 -2.92 12.06
N ARG A 310 21.48 -3.34 13.22
CA ARG A 310 21.15 -4.66 13.73
C ARG A 310 19.67 -4.75 14.10
N ASN A 311 19.05 -3.59 14.32
CA ASN A 311 17.64 -3.55 14.73
C ASN A 311 16.66 -3.13 13.64
N ILE A 312 17.13 -3.04 12.40
CA ILE A 312 16.27 -2.60 11.30
C ILE A 312 14.93 -3.33 11.18
N PHE A 313 14.89 -4.59 11.59
CA PHE A 313 13.64 -5.35 11.48
C PHE A 313 12.85 -5.49 12.78
N ASN A 314 13.36 -4.93 13.86
CA ASN A 314 12.68 -5.04 15.14
C ASN A 314 11.33 -4.30 15.14
N GLY A 315 10.32 -4.95 15.72
CA GLY A 315 8.99 -4.38 15.78
C GLY A 315 8.21 -4.35 14.48
N THR A 316 8.71 -5.03 13.46
CA THR A 316 8.07 -5.06 12.15
C THR A 316 7.17 -6.27 11.89
N VAL A 317 6.24 -6.12 10.96
CA VAL A 317 5.32 -7.20 10.60
C VAL A 317 6.05 -8.31 9.86
N VAL A 318 6.98 -7.95 8.99
CA VAL A 318 7.71 -8.96 8.22
C VAL A 318 8.55 -9.84 9.13
N GLN A 319 9.04 -9.30 10.24
CA GLN A 319 9.83 -10.09 11.18
C GLN A 319 8.94 -11.04 11.98
N ARG A 320 7.82 -10.50 12.48
CA ARG A 320 6.89 -11.26 13.31
C ARG A 320 5.95 -12.19 12.54
N HIS A 321 5.30 -11.67 11.50
CA HIS A 321 4.38 -12.47 10.70
C HIS A 321 4.70 -12.29 9.21
N PRO A 322 5.82 -12.88 8.76
CA PRO A 322 6.28 -12.81 7.37
C PRO A 322 5.27 -13.17 6.28
N SER A 323 4.40 -14.13 6.56
CA SER A 323 3.42 -14.55 5.58
C SER A 323 2.33 -13.52 5.30
N HIS A 324 2.12 -12.60 6.25
CA HIS A 324 1.08 -11.58 6.09
C HIS A 324 1.60 -10.15 5.93
N ALA A 325 2.87 -10.01 5.57
CA ALA A 325 3.45 -8.69 5.43
C ALA A 325 3.74 -8.28 3.99
N VAL A 326 3.32 -7.07 3.64
CA VAL A 326 3.61 -6.51 2.32
C VAL A 326 4.58 -5.40 2.67
N THR A 327 5.85 -5.59 2.28
CA THR A 327 6.88 -4.62 2.61
C THR A 327 7.02 -3.52 1.55
N PHE A 328 7.04 -2.28 2.01
CA PHE A 328 7.16 -1.14 1.11
C PHE A 328 8.14 -0.11 1.70
N VAL A 329 8.77 0.67 0.84
CA VAL A 329 9.71 1.68 1.28
C VAL A 329 8.98 3.01 1.50
N ASP A 330 8.18 3.41 0.52
CA ASP A 330 7.42 4.66 0.60
C ASP A 330 6.12 4.54 -0.21
N ASN A 331 5.19 5.46 0.02
CA ASN A 331 3.93 5.47 -0.72
C ASN A 331 3.41 6.90 -0.91
N HIS A 332 2.19 7.02 -1.40
CA HIS A 332 1.59 8.33 -1.66
C HIS A 332 1.31 9.18 -0.43
N ASP A 333 1.31 8.56 0.76
CA ASP A 333 1.07 9.30 1.99
C ASP A 333 2.37 9.70 2.67
N SER A 334 3.44 8.94 2.43
CA SER A 334 4.73 9.22 3.04
C SER A 334 5.61 10.10 2.16
N GLN A 335 5.19 10.32 0.92
CA GLN A 335 5.98 11.14 0.01
C GLN A 335 5.96 12.61 0.44
N PRO A 336 6.90 13.42 -0.07
CA PRO A 336 7.01 14.85 0.27
C PRO A 336 5.72 15.67 0.27
N GLU A 337 5.56 16.46 1.32
CA GLU A 337 4.41 17.35 1.50
C GLU A 337 3.10 16.66 1.84
N GLU A 338 3.05 15.34 1.79
CA GLU A 338 1.80 14.67 2.10
C GLU A 338 1.51 14.44 3.58
N ALA A 339 0.27 14.03 3.85
CA ALA A 339 -0.26 13.81 5.19
C ALA A 339 0.63 13.08 6.20
N LEU A 340 1.29 12.02 5.77
CA LEU A 340 2.14 11.25 6.67
C LEU A 340 3.61 11.31 6.22
N GLU A 341 4.01 12.44 5.64
CA GLU A 341 5.37 12.60 5.16
C GLU A 341 6.41 11.98 6.08
N SER A 342 7.19 11.08 5.51
CA SER A 342 8.25 10.36 6.21
C SER A 342 8.98 9.61 5.10
N PHE A 343 9.46 10.40 4.13
CA PHE A 343 10.14 9.88 2.96
C PHE A 343 11.57 9.40 3.22
N VAL A 344 11.83 8.14 2.87
CA VAL A 344 13.17 7.56 3.06
C VAL A 344 14.17 8.31 2.17
N GLU A 345 15.20 8.87 2.78
CA GLU A 345 16.19 9.64 2.02
C GLU A 345 16.80 8.88 0.86
N GLU A 346 17.06 9.61 -0.22
CA GLU A 346 17.63 9.05 -1.44
C GLU A 346 18.86 8.17 -1.25
N TRP A 347 19.80 8.58 -0.40
CA TRP A 347 21.01 7.78 -0.20
C TRP A 347 20.72 6.40 0.40
N PHE A 348 19.69 6.34 1.24
CA PHE A 348 19.34 5.09 1.91
C PHE A 348 18.34 4.24 1.12
N LYS A 349 17.66 4.87 0.16
CA LYS A 349 16.64 4.17 -0.61
C LYS A 349 17.10 2.85 -1.25
N PRO A 350 18.31 2.83 -1.85
CA PRO A 350 18.74 1.56 -2.45
C PRO A 350 18.90 0.46 -1.39
N LEU A 351 19.36 0.85 -0.19
CA LEU A 351 19.51 -0.13 0.89
C LEU A 351 18.12 -0.60 1.30
N ALA A 352 17.18 0.32 1.37
CA ALA A 352 15.80 0.00 1.75
C ALA A 352 15.21 -1.02 0.78
N TYR A 353 15.38 -0.79 -0.52
CA TYR A 353 14.83 -1.73 -1.50
C TYR A 353 15.53 -3.08 -1.49
N ALA A 354 16.81 -3.10 -1.11
CA ALA A 354 17.54 -4.36 -1.04
C ALA A 354 17.01 -5.14 0.16
N LEU A 355 16.68 -4.42 1.23
CA LEU A 355 16.15 -5.03 2.45
C LEU A 355 14.79 -5.69 2.24
N THR A 356 14.00 -5.16 1.30
CA THR A 356 12.69 -5.71 1.04
C THR A 356 12.66 -6.69 -0.14
N LEU A 357 13.49 -6.42 -1.14
CA LEU A 357 13.52 -7.26 -2.34
C LEU A 357 14.38 -8.52 -2.33
N THR A 358 15.49 -8.53 -1.59
CA THR A 358 16.37 -9.70 -1.60
C THR A 358 16.27 -10.68 -0.43
N ARG A 359 15.37 -10.41 0.52
CA ARG A 359 15.21 -11.33 1.65
C ARG A 359 14.03 -12.25 1.35
N GLU A 360 14.00 -13.43 1.97
CA GLU A 360 12.95 -14.40 1.69
C GLU A 360 11.57 -14.10 2.26
N GLN A 361 11.51 -13.28 3.31
CA GLN A 361 10.25 -12.95 3.95
C GLN A 361 9.52 -11.73 3.35
N GLY A 362 8.19 -11.78 3.39
CA GLY A 362 7.37 -10.69 2.90
C GLY A 362 7.11 -10.61 1.41
N TYR A 363 6.10 -9.82 1.06
CA TYR A 363 5.68 -9.57 -0.32
C TYR A 363 6.04 -8.10 -0.55
N PRO A 364 7.17 -7.85 -1.23
CA PRO A 364 7.67 -6.49 -1.52
C PRO A 364 6.92 -5.71 -2.60
N SER A 365 6.94 -4.39 -2.43
CA SER A 365 6.27 -3.49 -3.35
C SER A 365 7.21 -2.35 -3.77
N VAL A 366 7.11 -1.94 -5.03
CA VAL A 366 7.92 -0.84 -5.55
C VAL A 366 6.99 0.36 -5.75
N PHE A 367 7.41 1.53 -5.27
CA PHE A 367 6.63 2.74 -5.38
C PHE A 367 6.91 3.52 -6.67
N TYR A 368 5.85 3.83 -7.39
CA TYR A 368 5.95 4.58 -8.65
C TYR A 368 6.80 5.84 -8.44
N GLY A 369 6.50 6.58 -7.37
CA GLY A 369 7.24 7.80 -7.08
C GLY A 369 8.75 7.59 -6.98
N ASP A 370 9.17 6.46 -6.43
CA ASP A 370 10.60 6.17 -6.31
C ASP A 370 11.19 5.72 -7.63
N TYR A 371 10.45 4.87 -8.34
CA TYR A 371 10.90 4.30 -9.61
C TYR A 371 11.01 5.32 -10.73
N TYR A 372 9.94 6.08 -10.94
CA TYR A 372 9.95 7.08 -12.02
C TYR A 372 10.21 8.50 -11.54
N GLY A 373 10.21 8.70 -10.23
CA GLY A 373 10.47 10.01 -9.67
C GLY A 373 9.23 10.84 -9.38
N ILE A 374 9.43 11.97 -8.73
CA ILE A 374 8.36 12.89 -8.38
C ILE A 374 8.86 14.28 -8.79
N PRO A 375 8.73 14.61 -10.08
CA PRO A 375 9.15 15.89 -10.67
C PRO A 375 8.73 17.14 -9.91
N THR A 376 7.50 17.15 -9.41
CA THR A 376 6.96 18.30 -8.69
C THR A 376 7.72 18.63 -7.40
N HIS A 377 8.40 17.64 -6.83
CA HIS A 377 9.13 17.84 -5.59
C HIS A 377 10.62 17.54 -5.66
N GLY A 378 11.16 17.55 -6.87
CA GLY A 378 12.58 17.30 -7.05
C GLY A 378 13.11 15.92 -6.74
N VAL A 379 12.24 14.91 -6.80
CA VAL A 379 12.67 13.54 -6.53
C VAL A 379 12.95 12.87 -7.86
N PRO A 380 14.23 12.54 -8.13
CA PRO A 380 14.63 11.90 -9.38
C PRO A 380 14.18 10.45 -9.50
N ALA A 381 14.11 9.97 -10.74
CA ALA A 381 13.74 8.59 -11.00
C ALA A 381 14.89 7.75 -10.45
N MET A 382 14.57 6.70 -9.70
CA MET A 382 15.60 5.85 -9.13
C MET A 382 15.60 4.44 -9.71
N ARG A 383 14.84 4.25 -10.79
CA ARG A 383 14.77 2.93 -11.43
C ARG A 383 16.14 2.37 -11.84
N SER A 384 17.10 3.25 -12.10
CA SER A 384 18.43 2.78 -12.49
C SER A 384 19.11 2.06 -11.33
N LYS A 385 18.72 2.41 -10.11
CA LYS A 385 19.29 1.80 -8.91
C LYS A 385 18.40 0.67 -8.41
N ILE A 386 17.12 0.74 -8.75
CA ILE A 386 16.16 -0.27 -8.34
C ILE A 386 16.19 -1.49 -9.25
N ASP A 387 16.33 -1.26 -10.56
CA ASP A 387 16.36 -2.35 -11.53
C ASP A 387 17.33 -3.49 -11.20
N PRO A 388 18.59 -3.15 -10.85
CA PRO A 388 19.55 -4.21 -10.51
C PRO A 388 19.09 -5.05 -9.32
N ILE A 389 18.40 -4.41 -8.38
CA ILE A 389 17.90 -5.11 -7.20
C ILE A 389 16.71 -5.99 -7.59
N LEU A 390 15.90 -5.51 -8.53
CA LEU A 390 14.77 -6.29 -9.00
C LEU A 390 15.31 -7.51 -9.75
N GLU A 391 16.41 -7.34 -10.48
CA GLU A 391 16.99 -8.45 -11.21
C GLU A 391 17.53 -9.48 -10.21
N ALA A 392 18.10 -8.99 -9.11
CA ALA A 392 18.63 -9.88 -8.08
C ALA A 392 17.49 -10.74 -7.51
N ARG A 393 16.34 -10.12 -7.31
CA ARG A 393 15.19 -10.82 -6.76
C ARG A 393 14.64 -11.86 -7.74
N GLN A 394 14.56 -11.48 -9.02
CA GLN A 394 14.04 -12.37 -10.05
C GLN A 394 14.92 -13.58 -10.33
N LYS A 395 16.23 -13.39 -10.36
CA LYS A 395 17.13 -14.48 -10.69
C LYS A 395 17.96 -15.10 -9.57
N TYR A 396 18.27 -14.33 -8.54
CA TYR A 396 19.15 -14.84 -7.49
C TYR A 396 18.65 -15.01 -6.05
N ALA A 397 17.61 -14.29 -5.67
CA ALA A 397 17.10 -14.36 -4.30
C ALA A 397 16.24 -15.59 -4.03
N TYR A 398 16.89 -16.75 -3.92
CA TYR A 398 16.20 -18.00 -3.68
C TYR A 398 16.99 -18.88 -2.72
N GLY A 399 16.30 -19.83 -2.08
CA GLY A 399 16.97 -20.74 -1.18
C GLY A 399 17.10 -20.27 0.26
N LYS A 400 17.74 -21.11 1.06
CA LYS A 400 17.98 -20.87 2.49
C LYS A 400 18.65 -19.52 2.74
N GLN A 401 18.15 -18.80 3.73
CA GLN A 401 18.70 -17.49 4.06
C GLN A 401 19.50 -17.51 5.35
N ASN A 402 20.69 -16.93 5.30
CA ASN A 402 21.57 -16.85 6.47
C ASN A 402 21.75 -15.38 6.81
N ASP A 403 21.35 -15.02 8.04
CA ASP A 403 21.42 -13.63 8.50
C ASP A 403 22.70 -13.21 9.17
N TYR A 404 23.13 -11.98 8.87
CA TYR A 404 24.31 -11.40 9.47
C TYR A 404 24.05 -9.95 9.87
N LEU A 405 23.00 -9.75 10.67
CA LEU A 405 22.67 -8.42 11.17
C LEU A 405 23.41 -8.34 12.50
N ASP A 406 24.73 -8.31 12.41
CA ASP A 406 25.60 -8.34 13.58
C ASP A 406 26.52 -7.16 13.81
N HIS A 407 26.27 -6.05 13.12
CA HIS A 407 27.10 -4.85 13.29
C HIS A 407 26.20 -3.62 13.17
N HIS A 408 26.50 -2.58 13.94
CA HIS A 408 25.68 -1.37 13.94
C HIS A 408 25.64 -0.61 12.61
N ASN A 409 26.62 -0.85 11.75
CA ASN A 409 26.63 -0.18 10.44
C ASN A 409 26.51 -1.17 9.30
N ILE A 410 27.39 -2.17 9.30
CA ILE A 410 27.43 -3.17 8.24
C ILE A 410 26.67 -4.46 8.54
N ILE A 411 25.60 -4.69 7.79
CA ILE A 411 24.80 -5.90 7.95
C ILE A 411 24.68 -6.59 6.60
N GLY A 412 24.33 -7.86 6.62
CA GLY A 412 24.19 -8.60 5.38
C GLY A 412 23.47 -9.90 5.58
N TRP A 413 23.20 -10.59 4.48
CA TRP A 413 22.53 -11.88 4.51
C TRP A 413 22.78 -12.56 3.18
N THR A 414 22.73 -13.89 3.18
CA THR A 414 22.97 -14.64 1.96
C THR A 414 21.79 -15.55 1.66
N ARG A 415 21.73 -15.98 0.40
CA ARG A 415 20.70 -16.90 -0.07
C ARG A 415 21.48 -18.01 -0.74
N GLU A 416 21.26 -19.25 -0.30
CA GLU A 416 22.00 -20.38 -0.85
C GLU A 416 21.51 -20.85 -2.22
N GLY A 417 20.36 -20.34 -2.66
CA GLY A 417 19.81 -20.73 -3.95
C GLY A 417 19.12 -22.08 -3.95
N ASN A 418 18.49 -22.42 -5.08
CA ASN A 418 17.80 -23.69 -5.24
C ASN A 418 17.95 -24.15 -6.70
N THR A 419 17.67 -25.41 -6.97
CA THR A 419 17.81 -25.95 -8.33
C THR A 419 16.79 -25.40 -9.31
N ALA A 420 15.70 -24.83 -8.79
CA ALA A 420 14.65 -24.28 -9.64
C ALA A 420 15.14 -23.07 -10.42
N HIS A 421 16.18 -22.42 -9.91
CA HIS A 421 16.74 -21.24 -10.55
C HIS A 421 18.25 -21.36 -10.69
N PRO A 422 18.74 -21.44 -11.94
CA PRO A 422 20.17 -21.57 -12.26
C PRO A 422 21.08 -20.46 -11.76
N ASN A 423 22.21 -20.85 -11.18
CA ASN A 423 23.18 -19.90 -10.68
C ASN A 423 22.58 -19.03 -9.56
N SER A 424 21.41 -19.41 -9.05
CA SER A 424 20.77 -18.63 -8.00
C SER A 424 21.56 -18.63 -6.70
N GLY A 425 21.34 -17.59 -5.90
CA GLY A 425 22.04 -17.44 -4.64
C GLY A 425 22.60 -16.03 -4.63
N LEU A 426 22.79 -15.45 -3.44
CA LEU A 426 23.32 -14.10 -3.38
C LEU A 426 23.86 -13.75 -1.99
N ALA A 427 24.56 -12.64 -1.93
CA ALA A 427 25.11 -12.14 -0.68
C ALA A 427 24.91 -10.63 -0.67
N THR A 428 23.93 -10.18 0.10
CA THR A 428 23.65 -8.76 0.21
C THR A 428 24.43 -8.21 1.39
N ILE A 429 25.07 -7.07 1.20
CA ILE A 429 25.83 -6.43 2.26
C ILE A 429 25.62 -4.94 2.10
N MET A 430 25.36 -4.25 3.21
CA MET A 430 25.11 -2.82 3.16
C MET A 430 25.65 -2.14 4.41
N SER A 431 25.80 -0.82 4.34
CA SER A 431 26.28 -0.06 5.48
C SER A 431 25.65 1.33 5.46
N ASP A 432 25.13 1.76 6.60
CA ASP A 432 24.53 3.09 6.70
C ASP A 432 25.62 4.04 7.18
N GLY A 433 26.84 3.52 7.24
CA GLY A 433 27.97 4.33 7.67
C GLY A 433 29.18 4.01 6.82
N ALA A 434 30.34 3.90 7.46
CA ALA A 434 31.58 3.59 6.75
C ALA A 434 31.53 2.24 6.06
N GLY A 435 32.18 2.13 4.91
CA GLY A 435 32.22 0.87 4.18
C GLY A 435 33.10 -0.16 4.87
N GLY A 436 33.07 -1.38 4.36
CA GLY A 436 33.87 -2.45 4.94
C GLY A 436 33.58 -3.78 4.30
N SER A 437 33.83 -4.86 5.03
CA SER A 437 33.60 -6.19 4.48
C SER A 437 33.05 -7.14 5.55
N LYS A 438 32.55 -8.28 5.10
CA LYS A 438 32.02 -9.26 6.04
C LYS A 438 32.11 -10.64 5.44
N TRP A 439 32.58 -11.60 6.23
CA TRP A 439 32.66 -12.98 5.77
C TRP A 439 31.27 -13.57 5.92
N MET A 440 30.75 -14.19 4.87
CA MET A 440 29.43 -14.79 4.94
C MET A 440 29.39 -16.12 4.21
N PHE A 441 28.56 -17.03 4.73
CA PHE A 441 28.41 -18.38 4.17
C PHE A 441 27.35 -18.40 3.07
N VAL A 442 27.74 -18.85 1.88
CA VAL A 442 26.82 -18.94 0.75
C VAL A 442 26.57 -20.39 0.34
N GLY A 443 27.27 -21.33 0.98
CA GLY A 443 27.09 -22.73 0.65
C GLY A 443 28.34 -23.39 0.06
N ARG A 444 28.67 -24.57 0.56
CA ARG A 444 29.84 -25.30 0.10
C ARG A 444 29.81 -25.62 -1.40
N ASN A 445 28.63 -25.86 -1.95
CA ASN A 445 28.53 -26.17 -3.38
C ASN A 445 28.89 -24.98 -4.27
N LYS A 446 29.15 -23.82 -3.66
CA LYS A 446 29.51 -22.62 -4.41
C LYS A 446 31.03 -22.41 -4.42
N ALA A 447 31.76 -23.30 -3.77
CA ALA A 447 33.21 -23.20 -3.71
C ALA A 447 33.85 -22.97 -5.08
N GLY A 448 34.73 -21.96 -5.16
CA GLY A 448 35.41 -21.67 -6.40
C GLY A 448 34.70 -20.69 -7.32
N GLN A 449 33.42 -20.44 -7.09
CA GLN A 449 32.69 -19.51 -7.94
C GLN A 449 33.23 -18.10 -7.77
N VAL A 450 33.18 -17.32 -8.84
CA VAL A 450 33.67 -15.93 -8.82
C VAL A 450 32.46 -15.01 -8.97
N TRP A 451 32.05 -14.45 -7.84
CA TRP A 451 30.88 -13.55 -7.77
C TRP A 451 31.21 -12.09 -8.04
N SER A 452 30.21 -11.34 -8.48
CA SER A 452 30.38 -9.91 -8.76
C SER A 452 29.16 -9.12 -8.30
N ASP A 453 29.34 -7.83 -8.09
CA ASP A 453 28.28 -6.95 -7.60
C ASP A 453 27.28 -6.54 -8.69
N ILE A 454 26.07 -7.09 -8.63
CA ILE A 454 25.04 -6.79 -9.63
C ILE A 454 24.58 -5.33 -9.62
N THR A 455 24.86 -4.60 -8.53
CA THR A 455 24.48 -3.19 -8.47
C THR A 455 25.53 -2.34 -9.17
N GLY A 456 26.73 -2.91 -9.32
CA GLY A 456 27.82 -2.20 -9.97
C GLY A 456 28.55 -1.25 -9.04
N ASN A 457 28.08 -1.11 -7.81
CA ASN A 457 28.72 -0.19 -6.85
C ASN A 457 30.16 -0.58 -6.54
N ARG A 458 30.42 -1.88 -6.51
CA ARG A 458 31.78 -2.40 -6.28
C ARG A 458 32.13 -3.08 -7.61
N THR A 459 33.32 -2.80 -8.12
CA THR A 459 33.73 -3.35 -9.41
C THR A 459 34.60 -4.62 -9.36
N GLY A 460 34.98 -5.05 -8.18
CA GLY A 460 35.81 -6.24 -8.08
C GLY A 460 35.00 -7.53 -8.10
N THR A 461 35.64 -8.62 -7.71
CA THR A 461 34.99 -9.91 -7.66
C THR A 461 35.28 -10.54 -6.31
N VAL A 462 34.51 -11.55 -5.95
CA VAL A 462 34.72 -12.25 -4.68
C VAL A 462 34.70 -13.74 -4.99
N THR A 463 35.80 -14.42 -4.70
CA THR A 463 35.89 -15.85 -4.95
C THR A 463 35.50 -16.62 -3.69
N ILE A 464 34.48 -17.46 -3.80
CA ILE A 464 34.02 -18.26 -2.68
C ILE A 464 35.11 -19.28 -2.37
N ASN A 465 35.53 -19.37 -1.11
CA ASN A 465 36.57 -20.33 -0.75
C ASN A 465 36.05 -21.76 -0.71
N ALA A 466 36.96 -22.72 -0.56
CA ALA A 466 36.61 -24.14 -0.53
C ALA A 466 35.58 -24.51 0.52
N ASP A 467 35.42 -23.68 1.54
CA ASP A 467 34.47 -23.96 2.61
C ASP A 467 33.11 -23.29 2.41
N GLY A 468 32.94 -22.61 1.28
CA GLY A 468 31.66 -21.96 1.00
C GLY A 468 31.52 -20.56 1.57
N TRP A 469 32.64 -19.96 1.97
CA TRP A 469 32.63 -18.62 2.53
C TRP A 469 33.25 -17.60 1.58
N GLY A 470 32.73 -16.38 1.61
CA GLY A 470 33.24 -15.32 0.78
C GLY A 470 33.40 -14.07 1.61
N ASN A 471 34.44 -13.27 1.32
CA ASN A 471 34.68 -12.03 2.04
C ASN A 471 34.12 -10.91 1.17
N PHE A 472 32.85 -10.58 1.41
CA PHE A 472 32.15 -9.55 0.65
C PHE A 472 32.38 -8.13 1.15
N SER A 473 32.50 -7.20 0.21
CA SER A 473 32.75 -5.80 0.57
C SER A 473 31.63 -4.87 0.13
N VAL A 474 31.61 -3.67 0.72
CA VAL A 474 30.60 -2.67 0.41
C VAL A 474 31.17 -1.28 0.66
N ASN A 475 30.75 -0.31 -0.14
CA ASN A 475 31.20 1.06 0.02
C ASN A 475 30.42 1.70 1.16
N GLY A 476 30.85 2.88 1.61
CA GLY A 476 30.13 3.56 2.68
C GLY A 476 28.75 4.01 2.24
N GLY A 477 27.79 3.99 3.17
CA GLY A 477 26.43 4.40 2.87
C GLY A 477 25.95 3.85 1.54
N SER A 478 26.08 2.54 1.37
CA SER A 478 25.70 1.91 0.11
C SER A 478 25.32 0.45 0.32
N VAL A 479 24.93 -0.19 -0.77
CA VAL A 479 24.58 -1.60 -0.74
C VAL A 479 25.19 -2.29 -1.96
N SER A 480 25.69 -3.50 -1.74
CA SER A 480 26.25 -4.31 -2.81
C SER A 480 25.53 -5.63 -2.73
N ILE A 481 25.23 -6.23 -3.89
CA ILE A 481 24.56 -7.52 -3.93
C ILE A 481 25.40 -8.42 -4.82
N TRP A 482 26.21 -9.26 -4.19
CA TRP A 482 27.09 -10.16 -4.90
C TRP A 482 26.36 -11.40 -5.37
N VAL A 483 26.59 -11.79 -6.62
CA VAL A 483 25.94 -12.97 -7.19
C VAL A 483 26.90 -13.66 -8.15
N ASN A 484 26.58 -14.90 -8.50
CA ASN A 484 27.40 -15.67 -9.42
C ASN A 484 26.89 -15.42 -10.84
N LYS A 485 27.07 -14.20 -11.34
CA LYS A 485 26.60 -13.87 -12.69
C LYS A 485 27.68 -13.96 -13.76
#